data_1Q14
#
_entry.id   1Q14
#
_cell.length_a   103.554
_cell.length_b   103.554
_cell.length_c   177.346
_cell.angle_alpha   90.00
_cell.angle_beta   90.00
_cell.angle_gamma   120.00
#
_symmetry.space_group_name_H-M   'H 3 2'
#
loop_
_entity.id
_entity.type
_entity.pdbx_description
1 polymer 'HST2 protein'
2 non-polymer 'ZINC ION'
3 non-polymer 'CHLORIDE ION'
4 water water
#
_entity_poly.entity_id   1
_entity_poly.type   'polypeptide(L)'
_entity_poly.pdbx_seq_one_letter_code
;GMASMSVSTASTEMSVRKIAAHMKSNPNAKVIFMVGAGISTSCGIPDFRSPGTGLYHNLARLKLPYPEAVFDVDFFQSDP
LPFYTLAKELYPGNFRPSKFHYLLKLFQDKDVLKRVYTQNIDTLERQAGVKDDLIIEAHGSFAHCHCIGCGKVYPPQVFK
SKLAEHPIKDFVKCDVCGELVKPAIVFFGEDLPDSFSETWLNDSEWLREKITTSGKHPQQPLVIVVGTSLAVYPFASLPE
EIPRKVKRVLCNLETVGDFKANKRPTDLIVHQYSDEFAEQLVEELGWQEDFEKILTAQGGMGDNSKEQLLEIVHDLENLS
LDQSEHESADKKDKKLQRLNGHDSDEDGASNSSSSQKAAKE
;
_entity_poly.pdbx_strand_id   A
#
loop_
_chem_comp.id
_chem_comp.type
_chem_comp.name
_chem_comp.formula
CL non-polymer 'CHLORIDE ION' 'Cl -1'
ZN non-polymer 'ZINC ION' 'Zn 2'
#
# COMPACT_ATOMS: atom_id res chain seq x y z
N GLY A 1 -2.95 -29.86 -0.85
CA GLY A 1 -1.66 -30.40 -1.23
C GLY A 1 -1.07 -29.54 -2.33
N MET A 2 0.25 -29.35 -2.32
CA MET A 2 0.90 -28.54 -3.33
C MET A 2 1.08 -29.27 -4.66
N ALA A 3 0.73 -30.56 -4.68
CA ALA A 3 0.85 -31.35 -5.89
C ALA A 3 -0.50 -31.96 -6.25
N SER A 4 -1.56 -31.42 -5.65
CA SER A 4 -2.91 -31.90 -5.91
C SER A 4 -3.40 -31.14 -7.14
N MET A 5 -4.20 -31.81 -7.97
CA MET A 5 -4.70 -31.17 -9.17
C MET A 5 -5.35 -29.84 -8.86
N SER A 6 -5.02 -28.81 -9.64
CA SER A 6 -5.57 -27.49 -9.41
C SER A 6 -5.54 -26.60 -10.65
N VAL A 7 -6.28 -25.51 -10.59
CA VAL A 7 -6.36 -24.55 -11.68
C VAL A 7 -5.80 -23.19 -11.25
N SER A 8 -5.15 -22.54 -12.20
CA SER A 8 -4.53 -21.24 -12.01
C SER A 8 -5.47 -20.13 -11.54
N THR A 9 -6.25 -19.61 -12.47
CA THR A 9 -7.19 -18.52 -12.17
C THR A 9 -8.51 -18.97 -11.54
N ALA A 10 -9.14 -20.01 -12.08
CA ALA A 10 -10.40 -20.53 -11.53
C ALA A 10 -11.50 -19.47 -11.35
N SER A 11 -12.69 -19.91 -10.96
CA SER A 11 -13.79 -18.96 -10.78
C SER A 11 -13.67 -18.28 -9.43
N THR A 12 -14.05 -17.02 -9.39
CA THR A 12 -14.00 -16.23 -8.16
C THR A 12 -14.52 -17.00 -6.95
N GLU A 13 -15.71 -17.59 -7.09
CA GLU A 13 -16.34 -18.36 -6.01
C GLU A 13 -15.47 -19.47 -5.45
N MET A 14 -14.84 -20.25 -6.33
CA MET A 14 -13.99 -21.33 -5.86
C MET A 14 -12.72 -20.79 -5.19
N SER A 15 -12.15 -19.74 -5.77
CA SER A 15 -10.93 -19.15 -5.22
C SER A 15 -11.16 -18.62 -3.81
N VAL A 16 -12.24 -17.86 -3.66
CA VAL A 16 -12.59 -17.31 -2.36
C VAL A 16 -12.84 -18.44 -1.38
N ARG A 17 -13.49 -19.51 -1.85
CA ARG A 17 -13.77 -20.66 -0.99
C ARG A 17 -12.48 -21.34 -0.54
N LYS A 18 -11.54 -21.49 -1.47
CA LYS A 18 -10.27 -22.13 -1.14
C LYS A 18 -9.47 -21.31 -0.13
N ILE A 19 -9.56 -19.98 -0.22
CA ILE A 19 -8.86 -19.11 0.70
C ILE A 19 -9.45 -19.26 2.10
N ALA A 20 -10.77 -19.21 2.20
CA ALA A 20 -11.43 -19.36 3.49
C ALA A 20 -11.11 -20.76 4.00
N ALA A 21 -11.17 -21.73 3.10
CA ALA A 21 -10.87 -23.11 3.46
C ALA A 21 -9.48 -23.16 4.08
N HIS A 22 -8.49 -22.57 3.40
CA HIS A 22 -7.13 -22.56 3.92
C HIS A 22 -7.04 -21.97 5.31
N MET A 23 -7.82 -20.92 5.56
CA MET A 23 -7.80 -20.26 6.86
C MET A 23 -8.50 -21.09 7.92
N LYS A 24 -9.58 -21.76 7.55
CA LYS A 24 -10.31 -22.58 8.50
C LYS A 24 -9.47 -23.76 8.98
N SER A 25 -8.73 -24.38 8.05
CA SER A 25 -7.89 -25.51 8.41
C SER A 25 -6.50 -25.06 8.84
N ASN A 26 -6.33 -23.75 8.97
CA ASN A 26 -5.05 -23.18 9.39
C ASN A 26 -5.28 -22.04 10.35
N PRO A 27 -6.06 -22.27 11.42
CA PRO A 27 -6.28 -21.18 12.36
C PRO A 27 -4.95 -20.88 13.04
N ASN A 28 -4.86 -19.75 13.73
CA ASN A 28 -3.61 -19.38 14.39
C ASN A 28 -2.51 -19.21 13.35
N ALA A 29 -2.93 -18.87 12.14
CA ALA A 29 -2.01 -18.63 11.04
C ALA A 29 -2.35 -17.24 10.55
N LYS A 30 -1.44 -16.30 10.74
CA LYS A 30 -1.66 -14.93 10.31
C LYS A 30 -1.51 -14.77 8.80
N VAL A 31 -2.01 -13.65 8.30
CA VAL A 31 -1.96 -13.33 6.89
C VAL A 31 -1.21 -12.02 6.69
N ILE A 32 -0.39 -11.98 5.65
CA ILE A 32 0.36 -10.78 5.28
C ILE A 32 -0.33 -10.24 4.04
N PHE A 33 -0.57 -8.94 4.02
CA PHE A 33 -1.21 -8.28 2.88
C PHE A 33 -0.20 -7.34 2.22
N MET A 34 -0.33 -7.18 0.91
CA MET A 34 0.54 -6.30 0.13
C MET A 34 -0.47 -5.62 -0.78
N VAL A 35 -0.68 -4.33 -0.57
CA VAL A 35 -1.69 -3.60 -1.33
C VAL A 35 -1.28 -2.32 -2.05
N GLY A 36 -2.06 -1.97 -3.06
CA GLY A 36 -1.82 -0.77 -3.85
C GLY A 36 -3.03 0.13 -3.98
N ALA A 37 -2.90 1.12 -4.86
CA ALA A 37 -3.93 2.10 -5.14
C ALA A 37 -5.32 1.51 -5.37
N GLY A 38 -5.39 0.24 -5.76
CA GLY A 38 -6.67 -0.37 -6.03
C GLY A 38 -7.60 -0.61 -4.85
N ILE A 39 -7.14 -0.42 -3.62
CA ILE A 39 -8.02 -0.64 -2.50
C ILE A 39 -8.61 0.68 -2.00
N SER A 40 -8.32 1.76 -2.71
CA SER A 40 -8.82 3.09 -2.34
C SER A 40 -9.51 3.75 -3.54
N THR A 41 -9.53 3.04 -4.66
CA THR A 41 -10.15 3.52 -5.89
C THR A 41 -11.66 3.60 -5.72
N SER A 42 -12.21 2.65 -4.98
CA SER A 42 -13.65 2.60 -4.74
C SER A 42 -14.05 3.72 -3.80
N CYS A 43 -13.31 4.82 -3.85
CA CYS A 43 -13.59 5.97 -3.01
C CYS A 43 -13.07 7.25 -3.67
N GLY A 44 -12.93 7.20 -4.99
CA GLY A 44 -12.45 8.36 -5.73
C GLY A 44 -10.99 8.65 -5.46
N LEU A 59 -0.57 27.94 -10.31
CA LEU A 59 -1.86 27.57 -10.90
C LEU A 59 -1.89 26.09 -11.27
N ALA A 60 -3.08 25.48 -11.15
CA ALA A 60 -3.32 24.08 -11.47
C ALA A 60 -2.07 23.33 -11.90
N ARG A 61 -1.74 23.43 -13.19
CA ARG A 61 -0.57 22.79 -13.77
C ARG A 61 0.16 23.81 -14.63
N LEU A 62 1.49 23.84 -14.55
CA LEU A 62 2.25 24.79 -15.33
C LEU A 62 3.54 24.25 -15.96
N LYS A 63 3.39 23.65 -17.13
CA LYS A 63 4.48 23.10 -17.92
C LYS A 63 5.62 22.39 -17.18
N LEU A 64 5.60 21.06 -17.24
CA LEU A 64 6.62 20.21 -16.61
C LEU A 64 7.40 19.50 -17.71
N PRO A 65 8.70 19.25 -17.50
CA PRO A 65 9.51 18.56 -18.52
C PRO A 65 8.87 17.22 -18.88
N TYR A 66 8.54 16.45 -17.85
CA TYR A 66 7.87 15.16 -17.99
C TYR A 66 6.83 15.09 -16.89
N PRO A 67 5.74 14.36 -17.14
CA PRO A 67 4.61 14.17 -16.21
C PRO A 67 4.93 13.87 -14.76
N GLU A 68 5.84 12.93 -14.53
CA GLU A 68 6.18 12.53 -13.17
C GLU A 68 7.22 13.40 -12.45
N ALA A 69 7.61 14.50 -13.08
CA ALA A 69 8.59 15.40 -12.49
C ALA A 69 8.24 15.93 -11.09
N VAL A 70 6.95 16.16 -10.82
CA VAL A 70 6.53 16.66 -9.51
C VAL A 70 6.90 15.70 -8.40
N PHE A 71 6.97 14.41 -8.74
CA PHE A 71 7.30 13.37 -7.75
C PHE A 71 8.67 12.76 -8.00
N ASP A 72 9.52 13.51 -8.68
CA ASP A 72 10.87 13.07 -9.01
C ASP A 72 11.86 13.83 -8.12
N VAL A 73 12.60 13.10 -7.29
CA VAL A 73 13.55 13.73 -6.39
C VAL A 73 14.57 14.62 -7.08
N ASP A 74 14.97 14.25 -8.29
CA ASP A 74 15.95 15.05 -9.02
C ASP A 74 15.37 16.39 -9.42
N PHE A 75 14.20 16.36 -10.06
CA PHE A 75 13.55 17.58 -10.48
C PHE A 75 13.29 18.48 -9.28
N PHE A 76 12.75 17.90 -8.21
CA PHE A 76 12.44 18.61 -6.99
C PHE A 76 13.67 19.34 -6.46
N GLN A 77 14.80 18.64 -6.53
CA GLN A 77 16.07 19.16 -6.07
C GLN A 77 16.48 20.44 -6.80
N SER A 78 16.07 20.57 -8.07
CA SER A 78 16.41 21.75 -8.84
C SER A 78 15.29 22.79 -8.88
N ASP A 79 14.05 22.35 -8.73
CA ASP A 79 12.92 23.26 -8.75
C ASP A 79 11.73 22.67 -8.01
N PRO A 80 11.59 23.00 -6.73
CA PRO A 80 10.49 22.50 -5.88
C PRO A 80 9.16 23.23 -6.00
N LEU A 81 9.15 24.34 -6.73
CA LEU A 81 7.93 25.12 -6.85
C LEU A 81 6.71 24.31 -7.31
N PRO A 82 6.88 23.42 -8.30
CA PRO A 82 5.68 22.66 -8.70
C PRO A 82 5.13 21.72 -7.64
N PHE A 83 6.00 20.99 -6.95
CA PHE A 83 5.51 20.10 -5.89
C PHE A 83 4.84 20.94 -4.79
N TYR A 84 5.44 22.07 -4.42
CA TYR A 84 4.83 22.93 -3.39
C TYR A 84 3.43 23.33 -3.79
N THR A 85 3.27 23.65 -5.07
CA THR A 85 1.99 24.06 -5.63
C THR A 85 0.89 23.02 -5.55
N LEU A 86 1.28 21.75 -5.57
CA LEU A 86 0.32 20.66 -5.54
C LEU A 86 0.23 20.00 -4.15
N ALA A 87 1.30 20.15 -3.37
CA ALA A 87 1.39 19.58 -2.04
C ALA A 87 0.16 19.79 -1.16
N LYS A 88 -0.38 21.01 -1.15
CA LYS A 88 -1.54 21.31 -0.33
C LYS A 88 -2.69 20.33 -0.56
N GLU A 89 -2.86 19.87 -1.79
CA GLU A 89 -3.94 18.95 -2.14
C GLU A 89 -3.63 17.49 -1.83
N LEU A 90 -2.39 17.20 -1.43
CA LEU A 90 -1.97 15.83 -1.17
C LEU A 90 -2.19 15.29 0.24
N TYR A 91 -2.03 16.14 1.25
CA TYR A 91 -2.21 15.71 2.63
C TYR A 91 -3.47 14.88 2.81
N PRO A 92 -3.39 13.84 3.64
CA PRO A 92 -4.53 12.94 3.91
C PRO A 92 -5.70 13.65 4.60
N GLY A 93 -6.88 13.52 4.04
CA GLY A 93 -8.05 14.12 4.65
C GLY A 93 -8.59 13.08 5.62
N ASN A 94 -9.80 13.29 6.13
CA ASN A 94 -10.38 12.33 7.06
C ASN A 94 -11.54 11.60 6.38
N PHE A 95 -11.23 10.88 5.31
CA PHE A 95 -12.22 10.14 4.54
C PHE A 95 -12.60 8.82 5.17
N ARG A 96 -13.53 8.12 4.54
CA ARG A 96 -13.98 6.85 5.04
C ARG A 96 -13.24 5.70 4.36
N PRO A 97 -12.67 4.79 5.16
CA PRO A 97 -11.95 3.65 4.60
C PRO A 97 -12.94 2.75 3.85
N SER A 98 -12.45 2.07 2.83
CA SER A 98 -13.27 1.15 2.04
C SER A 98 -13.61 -0.10 2.84
N LYS A 99 -14.44 -0.97 2.26
CA LYS A 99 -14.78 -2.22 2.93
C LYS A 99 -13.51 -3.05 3.07
N PHE A 100 -12.66 -3.01 2.04
CA PHE A 100 -11.42 -3.78 2.10
C PHE A 100 -10.56 -3.31 3.27
N HIS A 101 -10.40 -2.00 3.43
CA HIS A 101 -9.60 -1.51 4.55
C HIS A 101 -10.16 -2.05 5.86
N TYR A 102 -11.49 -2.10 5.97
CA TYR A 102 -12.08 -2.61 7.20
C TYR A 102 -11.87 -4.11 7.35
N LEU A 103 -11.68 -4.80 6.23
CA LEU A 103 -11.42 -6.23 6.28
C LEU A 103 -10.10 -6.42 7.03
N LEU A 104 -9.22 -5.45 6.88
CA LEU A 104 -7.91 -5.49 7.55
C LEU A 104 -8.13 -5.37 9.05
N LYS A 105 -9.06 -4.49 9.44
CA LYS A 105 -9.36 -4.29 10.85
C LYS A 105 -9.99 -5.58 11.39
N LEU A 106 -10.91 -6.15 10.63
CA LEU A 106 -11.59 -7.38 11.00
C LEU A 106 -10.56 -8.48 11.30
N PHE A 107 -9.59 -8.62 10.41
CA PHE A 107 -8.56 -9.65 10.57
C PHE A 107 -7.74 -9.45 11.82
N GLN A 108 -7.49 -8.19 12.16
CA GLN A 108 -6.72 -7.84 13.36
C GLN A 108 -7.48 -8.30 14.61
N ASP A 109 -8.78 -8.02 14.63
CA ASP A 109 -9.61 -8.39 15.76
C ASP A 109 -9.53 -9.91 15.96
N LYS A 110 -9.51 -10.65 14.86
CA LYS A 110 -9.44 -12.10 14.92
C LYS A 110 -8.00 -12.57 15.12
N ASP A 111 -7.12 -11.62 15.41
CA ASP A 111 -5.71 -11.92 15.64
C ASP A 111 -5.13 -12.80 14.53
N VAL A 112 -5.46 -12.46 13.29
CA VAL A 112 -4.98 -13.24 12.17
C VAL A 112 -4.34 -12.36 11.07
N LEU A 113 -3.98 -11.14 11.43
CA LEU A 113 -3.35 -10.20 10.50
C LEU A 113 -1.92 -9.94 10.95
N LYS A 114 -0.96 -10.51 10.23
CA LYS A 114 0.46 -10.36 10.55
C LYS A 114 1.05 -9.02 10.10
N ARG A 115 0.60 -8.50 8.96
CA ARG A 115 1.13 -7.24 8.47
C ARG A 115 0.44 -6.74 7.21
N VAL A 116 0.44 -5.43 7.05
CA VAL A 116 -0.12 -4.84 5.86
C VAL A 116 0.98 -3.99 5.27
N TYR A 117 1.40 -4.33 4.06
CA TYR A 117 2.40 -3.55 3.34
C TYR A 117 1.60 -2.73 2.33
N THR A 118 1.70 -1.41 2.40
CA THR A 118 0.93 -0.59 1.48
C THR A 118 1.78 0.41 0.73
N GLN A 119 1.38 0.69 -0.51
CA GLN A 119 2.06 1.65 -1.37
C GLN A 119 1.29 2.95 -1.35
N ASN A 120 0.14 2.93 -0.68
CA ASN A 120 -0.72 4.11 -0.61
C ASN A 120 -0.27 5.08 0.47
N ILE A 121 -0.53 6.36 0.25
CA ILE A 121 -0.18 7.39 1.22
C ILE A 121 -1.44 8.10 1.70
N ASP A 122 -2.55 7.39 1.73
CA ASP A 122 -3.82 7.99 2.16
C ASP A 122 -4.13 7.68 3.62
N THR A 123 -3.28 6.89 4.25
CA THR A 123 -3.43 6.48 5.64
C THR A 123 -4.80 5.87 5.92
N LEU A 124 -5.44 5.33 4.90
CA LEU A 124 -6.75 4.73 5.12
C LEU A 124 -6.70 3.44 5.91
N GLU A 125 -5.58 2.73 5.90
CA GLU A 125 -5.51 1.50 6.69
C GLU A 125 -5.46 1.87 8.17
N ARG A 126 -4.75 2.95 8.48
CA ARG A 126 -4.66 3.41 9.87
C ARG A 126 -6.01 4.00 10.25
N GLN A 127 -6.64 4.69 9.29
CA GLN A 127 -7.94 5.28 9.50
C GLN A 127 -8.96 4.21 9.88
N ALA A 128 -8.78 2.99 9.38
CA ALA A 128 -9.71 1.91 9.66
C ALA A 128 -9.49 1.24 11.01
N GLY A 129 -8.43 1.62 11.71
CA GLY A 129 -8.19 1.02 13.01
C GLY A 129 -7.04 0.04 13.08
N VAL A 130 -6.34 -0.16 11.96
CA VAL A 130 -5.22 -1.07 11.96
C VAL A 130 -4.10 -0.47 12.82
N LYS A 131 -3.56 -1.27 13.73
CA LYS A 131 -2.47 -0.81 14.60
C LYS A 131 -1.25 -0.43 13.76
N ASP A 132 -0.55 0.62 14.17
CA ASP A 132 0.64 1.05 13.44
C ASP A 132 1.68 -0.06 13.35
N ASP A 133 1.72 -0.92 14.36
CA ASP A 133 2.69 -2.01 14.39
C ASP A 133 2.53 -2.99 13.24
N LEU A 134 1.31 -3.06 12.71
CA LEU A 134 1.02 -3.98 11.63
C LEU A 134 0.96 -3.29 10.27
N ILE A 135 1.20 -1.99 10.25
CA ILE A 135 1.18 -1.22 9.02
C ILE A 135 2.59 -0.85 8.57
N ILE A 136 2.87 -1.08 7.30
CA ILE A 136 4.17 -0.73 6.73
C ILE A 136 3.88 0.14 5.53
N GLU A 137 4.12 1.44 5.69
CA GLU A 137 3.90 2.39 4.62
C GLU A 137 5.19 2.45 3.82
N ALA A 138 5.31 1.49 2.90
CA ALA A 138 6.49 1.37 2.05
C ALA A 138 6.80 2.61 1.24
N HIS A 139 5.78 3.45 1.01
CA HIS A 139 5.99 4.63 0.20
C HIS A 139 6.01 5.94 0.98
N GLY A 140 6.17 5.82 2.29
CA GLY A 140 6.22 7.00 3.14
C GLY A 140 4.86 7.49 3.64
N SER A 141 4.88 8.69 4.21
CA SER A 141 3.68 9.32 4.74
C SER A 141 3.97 10.78 5.04
N PHE A 142 2.93 11.51 5.44
CA PHE A 142 3.08 12.91 5.77
C PHE A 142 3.35 13.06 7.27
N ALA A 143 3.44 11.93 7.96
CA ALA A 143 3.70 11.93 9.40
C ALA A 143 4.83 12.89 9.76
N HIS A 144 5.80 13.06 8.87
CA HIS A 144 6.88 13.99 9.13
C HIS A 144 7.54 14.50 7.86
N CYS A 145 8.59 15.29 8.03
CA CYS A 145 9.33 15.84 6.90
C CYS A 145 10.76 15.43 7.06
N HIS A 146 11.52 15.52 5.98
CA HIS A 146 12.92 15.14 6.02
C HIS A 146 13.67 15.94 5.00
N CYS A 147 14.98 16.01 5.20
CA CYS A 147 15.85 16.72 4.30
C CYS A 147 16.34 15.76 3.23
N ILE A 148 16.26 16.15 1.97
CA ILE A 148 16.70 15.29 0.88
C ILE A 148 18.23 15.25 0.78
N GLY A 149 18.89 15.87 1.75
CA GLY A 149 20.35 15.90 1.76
C GLY A 149 21.00 15.04 2.84
N CYS A 150 20.78 15.38 4.11
CA CYS A 150 21.37 14.63 5.21
C CYS A 150 20.44 13.56 5.77
N GLY A 151 19.15 13.68 5.48
CA GLY A 151 18.18 12.72 5.97
C GLY A 151 17.57 13.18 7.28
N LYS A 152 17.90 14.39 7.71
CA LYS A 152 17.38 14.93 8.96
C LYS A 152 15.86 15.01 8.94
N VAL A 153 15.26 14.63 10.07
CA VAL A 153 13.82 14.62 10.19
C VAL A 153 13.28 15.85 10.92
N TYR A 154 12.11 16.31 10.50
CA TYR A 154 11.45 17.48 11.10
C TYR A 154 9.98 17.19 11.27
N PRO A 155 9.30 17.93 12.16
CA PRO A 155 7.86 17.73 12.38
C PRO A 155 7.07 18.21 11.16
N PRO A 156 5.87 17.66 10.94
CA PRO A 156 5.02 18.03 9.79
C PRO A 156 4.82 19.53 9.62
N GLN A 157 4.63 20.23 10.74
CA GLN A 157 4.41 21.67 10.74
C GLN A 157 5.36 22.50 9.91
N VAL A 158 6.65 22.19 9.98
CA VAL A 158 7.65 22.93 9.23
C VAL A 158 7.26 23.16 7.78
N PHE A 159 6.86 22.08 7.09
CA PHE A 159 6.48 22.18 5.69
C PHE A 159 5.05 22.69 5.52
N LYS A 160 4.13 22.14 6.31
CA LYS A 160 2.74 22.54 6.23
C LYS A 160 2.60 24.04 6.49
N SER A 161 3.54 24.56 7.26
CA SER A 161 3.59 25.98 7.61
C SER A 161 3.74 26.82 6.35
N LYS A 162 4.82 26.57 5.60
CA LYS A 162 5.08 27.30 4.37
C LYS A 162 3.91 27.28 3.40
N LEU A 163 3.11 26.22 3.44
CA LEU A 163 1.97 26.12 2.53
C LEU A 163 0.81 26.98 3.00
N ALA A 164 1.10 28.04 3.74
CA ALA A 164 0.07 28.94 4.23
C ALA A 164 0.53 30.38 4.03
N GLU A 165 1.83 30.55 3.92
CA GLU A 165 2.45 31.86 3.74
C GLU A 165 2.29 32.41 2.32
N HIS A 166 1.26 33.23 2.10
CA HIS A 166 1.02 33.82 0.78
C HIS A 166 1.31 32.76 -0.28
N PRO A 167 1.66 33.17 -1.51
CA PRO A 167 1.94 32.09 -2.46
C PRO A 167 3.21 31.33 -2.06
N ILE A 168 4.26 32.08 -1.76
CA ILE A 168 5.55 31.53 -1.35
C ILE A 168 6.63 32.61 -1.31
N LYS A 169 7.44 32.59 -0.26
CA LYS A 169 8.53 33.56 -0.13
C LYS A 169 9.84 32.82 -0.37
N ASP A 170 9.84 31.55 0.03
CA ASP A 170 11.00 30.68 -0.15
C ASP A 170 10.61 29.29 0.29
N PHE A 171 11.50 28.32 0.06
CA PHE A 171 11.23 26.93 0.41
C PHE A 171 11.94 26.47 1.66
N VAL A 172 11.27 25.67 2.46
CA VAL A 172 11.85 25.14 3.68
C VAL A 172 13.18 24.48 3.36
N LYS A 173 14.18 24.69 4.22
CA LYS A 173 15.48 24.11 3.99
C LYS A 173 16.09 23.58 5.27
N CYS A 174 17.02 22.66 5.13
CA CYS A 174 17.67 22.04 6.27
C CYS A 174 18.66 23.01 6.89
N ASP A 175 18.46 23.31 8.17
CA ASP A 175 19.33 24.23 8.86
C ASP A 175 20.69 23.63 9.20
N VAL A 176 20.94 22.41 8.76
CA VAL A 176 22.24 21.77 9.01
C VAL A 176 23.04 21.60 7.73
N CYS A 177 22.37 21.28 6.62
CA CYS A 177 23.06 21.10 5.34
C CYS A 177 22.57 22.07 4.25
N GLY A 178 21.50 22.81 4.56
CA GLY A 178 20.97 23.77 3.62
C GLY A 178 20.08 23.19 2.54
N GLU A 179 20.11 21.87 2.38
CA GLU A 179 19.30 21.20 1.37
C GLU A 179 17.80 21.26 1.68
N LEU A 180 16.99 21.08 0.64
CA LEU A 180 15.53 21.11 0.73
C LEU A 180 14.88 20.08 1.65
N VAL A 181 13.79 20.49 2.28
CA VAL A 181 13.02 19.64 3.18
C VAL A 181 11.64 19.41 2.57
N LYS A 182 11.09 18.20 2.74
CA LYS A 182 9.77 17.89 2.20
C LYS A 182 9.08 16.81 3.02
N PRO A 183 7.77 16.63 2.78
CA PRO A 183 7.09 15.58 3.54
C PRO A 183 7.69 14.20 3.22
N ALA A 184 7.65 13.29 4.20
CA ALA A 184 8.23 11.97 4.06
C ALA A 184 7.53 10.96 3.13
N ILE A 185 6.97 11.44 2.02
CA ILE A 185 6.37 10.51 1.07
C ILE A 185 7.49 10.26 0.07
N VAL A 186 7.81 8.98 -0.15
CA VAL A 186 8.89 8.62 -1.07
C VAL A 186 8.63 9.07 -2.51
N PHE A 187 9.59 9.79 -3.08
CA PHE A 187 9.50 10.28 -4.46
C PHE A 187 10.24 9.29 -5.36
N PHE A 188 10.05 9.41 -6.67
CA PHE A 188 10.77 8.53 -7.59
C PHE A 188 12.23 8.96 -7.49
N GLY A 189 13.14 8.00 -7.29
CA GLY A 189 14.55 8.33 -7.17
C GLY A 189 15.05 8.18 -5.75
N GLU A 190 14.14 8.07 -4.78
CA GLU A 190 14.54 7.93 -3.38
C GLU A 190 14.44 6.48 -2.93
N ASP A 191 15.13 6.14 -1.85
CA ASP A 191 15.07 4.80 -1.28
C ASP A 191 13.87 4.80 -0.35
N LEU A 192 13.29 3.64 -0.09
CA LEU A 192 12.14 3.57 0.80
C LEU A 192 12.68 3.55 2.23
N PRO A 193 11.83 3.85 3.22
CA PRO A 193 12.30 3.84 4.62
C PRO A 193 12.80 2.46 5.08
N ASP A 194 13.82 2.49 5.94
CA ASP A 194 14.43 1.28 6.49
C ASP A 194 13.41 0.25 6.99
N SER A 195 12.36 0.72 7.63
CA SER A 195 11.34 -0.17 8.18
C SER A 195 10.76 -1.12 7.14
N PHE A 196 10.74 -0.68 5.89
CA PHE A 196 10.20 -1.51 4.82
C PHE A 196 11.03 -2.76 4.63
N SER A 197 12.24 -2.59 4.10
CA SER A 197 13.11 -3.73 3.87
C SER A 197 13.36 -4.51 5.15
N GLU A 198 13.56 -3.80 6.26
CA GLU A 198 13.82 -4.44 7.54
C GLU A 198 12.65 -5.29 8.01
N THR A 199 11.44 -4.76 7.95
CA THR A 199 10.30 -5.55 8.39
C THR A 199 10.03 -6.71 7.43
N TRP A 200 10.15 -6.48 6.13
CA TRP A 200 9.91 -7.54 5.15
C TRP A 200 10.86 -8.69 5.44
N LEU A 201 12.10 -8.35 5.77
CA LEU A 201 13.10 -9.34 6.09
C LEU A 201 12.61 -10.14 7.31
N ASN A 202 12.05 -9.43 8.28
CA ASN A 202 11.53 -10.07 9.48
C ASN A 202 10.34 -10.98 9.18
N ASP A 203 9.35 -10.44 8.47
CA ASP A 203 8.17 -11.22 8.12
C ASP A 203 8.57 -12.33 7.15
N SER A 204 9.61 -12.08 6.36
CA SER A 204 10.10 -13.06 5.40
C SER A 204 10.63 -14.33 6.12
N GLU A 205 11.43 -14.14 7.16
CA GLU A 205 11.97 -15.27 7.92
C GLU A 205 10.82 -15.89 8.69
N TRP A 206 9.91 -15.05 9.17
CA TRP A 206 8.75 -15.52 9.89
C TRP A 206 8.04 -16.54 9.01
N LEU A 207 7.82 -16.16 7.75
CA LEU A 207 7.17 -17.06 6.80
C LEU A 207 7.97 -18.35 6.67
N ARG A 208 9.28 -18.22 6.51
CA ARG A 208 10.17 -19.37 6.38
C ARG A 208 10.04 -20.32 7.57
N GLU A 209 9.87 -19.75 8.75
CA GLU A 209 9.74 -20.54 9.98
C GLU A 209 8.50 -21.43 9.92
N LYS A 210 7.36 -20.86 9.52
CA LYS A 210 6.12 -21.60 9.41
C LYS A 210 6.15 -22.53 8.18
N GLN A 219 3.24 -25.50 5.97
CA GLN A 219 2.88 -24.23 5.36
C GLN A 219 1.46 -23.82 5.70
N GLN A 220 1.32 -22.93 6.67
CA GLN A 220 0.01 -22.44 7.10
C GLN A 220 -0.28 -20.96 6.84
N PRO A 221 0.75 -20.14 6.54
CA PRO A 221 0.46 -18.72 6.32
C PRO A 221 -0.02 -18.44 4.89
N LEU A 222 -0.46 -17.21 4.66
CA LEU A 222 -0.89 -16.76 3.35
C LEU A 222 -0.43 -15.33 3.11
N VAL A 223 -0.17 -14.98 1.86
CA VAL A 223 0.23 -13.63 1.48
C VAL A 223 -0.76 -13.22 0.41
N ILE A 224 -1.59 -12.24 0.72
CA ILE A 224 -2.59 -11.81 -0.22
C ILE A 224 -2.22 -10.45 -0.81
N VAL A 225 -1.98 -10.44 -2.11
CA VAL A 225 -1.61 -9.20 -2.81
C VAL A 225 -2.89 -8.65 -3.44
N VAL A 226 -3.32 -7.46 -3.01
CA VAL A 226 -4.53 -6.93 -3.63
C VAL A 226 -4.47 -5.49 -4.11
N GLY A 227 -5.11 -5.25 -5.24
CA GLY A 227 -5.20 -3.92 -5.81
C GLY A 227 -3.97 -3.16 -6.23
N THR A 228 -3.08 -3.80 -6.98
CA THR A 228 -1.87 -3.18 -7.52
C THR A 228 -1.41 -3.88 -8.79
N SER A 229 -0.97 -3.08 -9.75
CA SER A 229 -0.50 -3.60 -11.02
C SER A 229 0.96 -4.07 -10.86
N LEU A 230 1.51 -3.89 -9.67
CA LEU A 230 2.89 -4.27 -9.38
C LEU A 230 3.87 -3.71 -10.40
N ALA A 231 3.76 -2.40 -10.67
CA ALA A 231 4.64 -1.76 -11.63
C ALA A 231 5.66 -0.82 -10.98
N VAL A 232 5.50 -0.55 -9.69
CA VAL A 232 6.42 0.33 -8.99
C VAL A 232 7.40 -0.49 -8.13
N TYR A 233 8.68 -0.23 -8.32
CA TYR A 233 9.76 -0.92 -7.60
C TYR A 233 10.36 -0.05 -6.51
N PRO A 234 11.00 -0.66 -5.50
CA PRO A 234 11.16 -2.11 -5.31
C PRO A 234 9.97 -2.86 -4.75
N PHE A 235 8.89 -2.15 -4.42
CA PHE A 235 7.74 -2.85 -3.87
C PHE A 235 7.32 -4.04 -4.74
N ALA A 236 7.36 -3.85 -6.06
CA ALA A 236 6.96 -4.89 -7.00
C ALA A 236 7.81 -6.16 -6.95
N SER A 237 8.86 -6.15 -6.12
CA SER A 237 9.73 -7.32 -5.98
C SER A 237 9.29 -8.20 -4.82
N LEU A 238 8.35 -7.72 -4.01
CA LEU A 238 7.90 -8.51 -2.86
C LEU A 238 7.26 -9.85 -3.25
N PRO A 239 6.31 -9.86 -4.20
CA PRO A 239 5.72 -11.15 -4.55
C PRO A 239 6.67 -12.26 -5.00
N GLU A 240 7.71 -11.93 -5.75
CA GLU A 240 8.65 -12.97 -6.19
C GLU A 240 9.50 -13.47 -5.03
N GLU A 241 9.63 -12.66 -3.99
CA GLU A 241 10.44 -13.04 -2.84
C GLU A 241 9.64 -13.81 -1.82
N ILE A 242 8.35 -13.97 -2.07
CA ILE A 242 7.55 -14.72 -1.14
C ILE A 242 8.10 -16.15 -1.23
N PRO A 243 8.35 -16.79 -0.08
CA PRO A 243 8.87 -18.17 -0.09
C PRO A 243 7.99 -19.06 -0.98
N ARG A 244 8.63 -19.70 -1.95
CA ARG A 244 7.93 -20.57 -2.89
C ARG A 244 7.05 -21.63 -2.21
N LYS A 245 7.28 -21.85 -0.93
CA LYS A 245 6.55 -22.84 -0.14
C LYS A 245 5.33 -22.23 0.55
N VAL A 246 5.15 -20.92 0.43
CA VAL A 246 4.02 -20.20 1.02
C VAL A 246 3.03 -19.87 -0.09
N LYS A 247 1.77 -20.17 0.15
CA LYS A 247 0.72 -19.95 -0.85
C LYS A 247 0.43 -18.48 -1.03
N ARG A 248 0.47 -18.00 -2.27
CA ARG A 248 0.18 -16.60 -2.49
C ARG A 248 -1.08 -16.34 -3.29
N VAL A 249 -1.80 -15.30 -2.89
CA VAL A 249 -3.05 -14.92 -3.53
C VAL A 249 -2.94 -13.56 -4.18
N LEU A 250 -3.60 -13.41 -5.33
CA LEU A 250 -3.65 -12.14 -6.06
C LEU A 250 -5.12 -11.83 -6.31
N CYS A 251 -5.55 -10.67 -5.82
CA CYS A 251 -6.91 -10.20 -6.05
C CYS A 251 -6.68 -8.92 -6.83
N ASN A 252 -6.89 -9.00 -8.14
CA ASN A 252 -6.67 -7.86 -9.02
C ASN A 252 -7.46 -8.11 -10.30
N LEU A 253 -7.94 -7.05 -10.94
CA LEU A 253 -8.73 -7.22 -12.14
C LEU A 253 -7.92 -7.87 -13.26
N GLU A 254 -6.60 -7.88 -13.12
CA GLU A 254 -5.74 -8.50 -14.12
C GLU A 254 -4.54 -9.17 -13.46
N THR A 255 -4.09 -10.25 -14.06
CA THR A 255 -2.93 -10.95 -13.54
C THR A 255 -1.75 -10.08 -13.92
N VAL A 256 -0.95 -9.70 -12.92
CA VAL A 256 0.16 -8.80 -13.15
C VAL A 256 1.43 -9.24 -12.43
N GLY A 257 2.51 -8.55 -12.76
CA GLY A 257 3.80 -8.83 -12.15
C GLY A 257 4.20 -10.29 -12.14
N ASP A 258 4.72 -10.74 -11.02
CA ASP A 258 5.21 -12.10 -10.88
C ASP A 258 4.16 -13.20 -11.02
N PHE A 259 2.89 -12.88 -10.86
CA PHE A 259 1.85 -13.89 -11.00
C PHE A 259 1.70 -14.22 -12.48
N LYS A 260 2.02 -13.25 -13.33
CA LYS A 260 1.94 -13.43 -14.76
C LYS A 260 3.25 -14.05 -15.28
N ALA A 261 4.37 -13.42 -14.94
CA ALA A 261 5.69 -13.86 -15.38
C ALA A 261 6.17 -15.20 -14.85
N ASN A 262 5.96 -15.47 -13.55
CA ASN A 262 6.43 -16.73 -12.97
C ASN A 262 5.39 -17.39 -12.10
N LYS A 263 4.29 -17.75 -12.74
CA LYS A 263 3.17 -18.41 -12.09
C LYS A 263 3.64 -19.64 -11.35
N ARG A 264 3.04 -19.89 -10.18
CA ARG A 264 3.36 -21.04 -9.34
C ARG A 264 2.10 -21.89 -9.22
N PRO A 265 2.26 -23.23 -9.22
CA PRO A 265 1.17 -24.19 -9.11
C PRO A 265 0.15 -23.87 -8.03
N THR A 266 0.60 -23.26 -6.93
CA THR A 266 -0.31 -22.96 -5.84
C THR A 266 -0.86 -21.53 -5.84
N ASP A 267 -0.49 -20.72 -6.82
CA ASP A 267 -0.99 -19.35 -6.87
C ASP A 267 -2.50 -19.34 -7.06
N LEU A 268 -3.18 -18.42 -6.39
CA LEU A 268 -4.61 -18.27 -6.51
C LEU A 268 -4.87 -16.85 -7.00
N ILE A 269 -5.48 -16.73 -8.15
CA ILE A 269 -5.77 -15.44 -8.73
C ILE A 269 -7.27 -15.18 -8.75
N VAL A 270 -7.66 -14.00 -8.28
CA VAL A 270 -9.05 -13.61 -8.21
C VAL A 270 -9.26 -12.26 -8.92
N HIS A 271 -9.81 -12.32 -10.13
CA HIS A 271 -10.06 -11.10 -10.89
C HIS A 271 -11.33 -10.47 -10.33
N GLN A 272 -11.19 -9.83 -9.18
CA GLN A 272 -12.32 -9.21 -8.53
C GLN A 272 -11.95 -7.87 -7.89
N TYR A 273 -12.94 -7.01 -7.67
CA TYR A 273 -12.68 -5.72 -7.02
C TYR A 273 -12.41 -5.99 -5.56
N SER A 274 -11.54 -5.19 -4.95
CA SER A 274 -11.19 -5.40 -3.55
C SER A 274 -12.34 -5.39 -2.55
N ASP A 275 -13.34 -4.54 -2.78
CA ASP A 275 -14.49 -4.47 -1.88
C ASP A 275 -15.36 -5.73 -1.97
N GLU A 276 -15.66 -6.15 -3.20
CA GLU A 276 -16.46 -7.35 -3.42
C GLU A 276 -15.70 -8.52 -2.82
N PHE A 277 -14.41 -8.56 -3.10
CA PHE A 277 -13.55 -9.62 -2.58
C PHE A 277 -13.67 -9.71 -1.08
N ALA A 278 -13.64 -8.55 -0.42
CA ALA A 278 -13.74 -8.52 1.03
C ALA A 278 -15.09 -9.07 1.49
N GLU A 279 -16.16 -8.64 0.84
CA GLU A 279 -17.50 -9.11 1.19
C GLU A 279 -17.60 -10.63 1.06
N GLN A 280 -17.09 -11.16 -0.06
CA GLN A 280 -17.15 -12.59 -0.29
C GLN A 280 -16.29 -13.44 0.63
N LEU A 281 -15.11 -12.94 0.99
CA LEU A 281 -14.23 -13.70 1.87
C LEU A 281 -14.84 -13.76 3.26
N VAL A 282 -15.39 -12.63 3.70
CA VAL A 282 -16.00 -12.56 5.03
C VAL A 282 -17.19 -13.51 5.11
N GLU A 283 -18.00 -13.53 4.05
CA GLU A 283 -19.16 -14.40 3.97
C GLU A 283 -18.74 -15.87 4.09
N GLU A 284 -17.69 -16.24 3.38
CA GLU A 284 -17.17 -17.61 3.38
C GLU A 284 -16.54 -18.03 4.70
N LEU A 285 -16.02 -17.06 5.44
CA LEU A 285 -15.39 -17.35 6.72
C LEU A 285 -16.46 -17.39 7.80
N GLY A 286 -17.57 -16.70 7.53
CA GLY A 286 -18.65 -16.66 8.49
C GLY A 286 -18.39 -15.59 9.54
N TRP A 287 -18.01 -14.40 9.09
CA TRP A 287 -17.74 -13.28 9.99
C TRP A 287 -18.58 -12.07 9.60
N GLN A 288 -19.65 -12.30 8.85
CA GLN A 288 -20.53 -11.24 8.38
C GLN A 288 -20.97 -10.29 9.50
N GLU A 289 -21.31 -10.86 10.64
CA GLU A 289 -21.76 -10.05 11.77
C GLU A 289 -20.69 -9.13 12.32
N ASP A 290 -19.52 -9.69 12.65
CA ASP A 290 -18.42 -8.89 13.18
C ASP A 290 -18.02 -7.83 12.16
N PHE A 291 -18.10 -8.17 10.88
CA PHE A 291 -17.73 -7.25 9.82
C PHE A 291 -18.76 -6.12 9.69
N GLU A 292 -20.04 -6.48 9.68
CA GLU A 292 -21.10 -5.48 9.58
C GLU A 292 -21.06 -4.54 10.76
N LYS A 293 -20.65 -5.06 11.91
CA LYS A 293 -20.56 -4.25 13.12
C LYS A 293 -19.47 -3.21 12.93
N ILE A 294 -18.33 -3.65 12.41
CA ILE A 294 -17.22 -2.75 12.17
C ILE A 294 -17.60 -1.69 11.16
N LEU A 295 -18.23 -2.11 10.06
CA LEU A 295 -18.66 -1.19 9.02
C LEU A 295 -19.68 -0.18 9.54
N THR A 296 -20.37 -0.55 10.60
CA THR A 296 -21.39 0.32 11.18
C THR A 296 -20.82 1.33 12.18
N ALA A 297 -20.38 0.83 13.33
CA ALA A 297 -19.81 1.68 14.36
C ALA A 297 -18.71 2.54 13.78
N GLN A 298 -17.58 1.91 13.48
CA GLN A 298 -16.41 2.59 12.93
C GLN A 298 -16.69 3.23 11.58
N LYS A 306 -2.80 2.01 -11.98
CA LYS A 306 -1.46 2.36 -11.52
C LYS A 306 -1.49 2.88 -10.08
N GLU A 307 -0.31 3.12 -9.49
CA GLU A 307 -0.23 3.59 -8.10
C GLU A 307 -0.66 5.05 -7.90
N GLN A 308 -0.98 5.39 -6.65
CA GLN A 308 -1.44 6.73 -6.30
C GLN A 308 -0.66 7.91 -6.87
N LEU A 309 0.67 7.88 -6.79
CA LEU A 309 1.46 9.00 -7.32
C LEU A 309 1.30 9.13 -8.83
N LEU A 310 1.31 8.01 -9.54
CA LEU A 310 1.18 8.03 -10.97
C LEU A 310 -0.24 8.42 -11.37
N GLU A 311 -1.21 8.08 -10.52
CA GLU A 311 -2.59 8.42 -10.80
C GLU A 311 -2.73 9.94 -10.78
N ILE A 312 -2.17 10.56 -9.76
CA ILE A 312 -2.21 12.01 -9.61
C ILE A 312 -1.49 12.67 -10.79
N VAL A 313 -0.31 12.15 -11.11
CA VAL A 313 0.49 12.64 -12.24
C VAL A 313 -0.35 12.59 -13.51
N HIS A 314 -1.16 11.54 -13.62
CA HIS A 314 -2.03 11.32 -14.77
C HIS A 314 -3.06 12.44 -14.85
N ASP A 315 -3.76 12.67 -13.73
CA ASP A 315 -4.78 13.71 -13.69
C ASP A 315 -4.22 15.08 -14.05
N LEU A 316 -2.97 15.35 -13.66
CA LEU A 316 -2.34 16.62 -13.97
C LEU A 316 -2.34 16.87 -15.47
N GLU A 317 -1.80 15.91 -16.21
CA GLU A 317 -1.74 16.00 -17.66
C GLU A 317 -3.16 16.15 -18.22
N ASN A 318 -4.14 15.86 -17.38
CA ASN A 318 -5.55 15.94 -17.76
C ASN A 318 -5.87 14.92 -18.84
ZN ZN B . 20.25 18.20 5.73
CL CL C . 2.97 -14.93 15.16
#